data_8A08
#
_entry.id   8A08
#
_cell.length_a   56.563
_cell.length_b   56.563
_cell.length_c   181.603
_cell.angle_alpha   90
_cell.angle_beta   90
_cell.angle_gamma   90
#
_symmetry.space_group_name_H-M   'P 41 21 2'
#
loop_
_entity.id
_entity.type
_entity.pdbx_description
1 polymer 'Glutathione transferase'
2 non-polymer GLUTATHIONE
3 water water
#
_entity_poly.entity_id   1
_entity_poly.type   'polypeptide(L)'
_entity_poly.pdbx_seq_one_letter_code
;MADVKLHGSWVSPFNYRVIWALKLKGVEFEHIVEDLTNKSELLLKYNPVYKKIPVLVHGGKPIAESLVILEYIEETWPEN
PLLPTDPYERAMARFWIQYGATKTAAFGALFRASGEELEKAAKEVVEVLRVLEEQGLGDKKFFGGDSINLVDISFGLFTC
WLEAIEEAAGVKVLEPSTLPRLHAWAQNFIEVPLIKENIPDYDKLLLHMKGVREKMMNK
;
_entity_poly.pdbx_strand_id   A
#
# COMPACT_ATOMS: atom_id res chain seq x y z
N ASP A 3 20.10 -13.40 5.89
CA ASP A 3 20.42 -12.19 6.67
C ASP A 3 19.21 -11.26 6.81
N VAL A 4 18.30 -11.29 5.82
CA VAL A 4 17.08 -10.51 5.84
C VAL A 4 15.89 -11.47 5.74
N LYS A 5 14.96 -11.36 6.67
CA LYS A 5 13.75 -12.16 6.65
C LYS A 5 12.55 -11.22 6.65
N LEU A 6 11.47 -11.62 5.98
CA LEU A 6 10.25 -10.82 5.98
C LEU A 6 9.11 -11.71 6.42
N HIS A 7 8.53 -11.42 7.59
CA HIS A 7 7.34 -12.14 8.03
C HIS A 7 6.19 -11.45 7.33
N GLY A 8 5.60 -12.15 6.37
CA GLY A 8 4.57 -11.56 5.54
C GLY A 8 3.35 -12.39 5.22
N SER A 9 2.83 -12.13 4.05
CA SER A 9 1.59 -12.69 3.57
C SER A 9 1.54 -12.58 2.06
N TRP A 10 0.70 -13.41 1.41
N TRP A 10 0.70 -13.39 1.43
CA TRP A 10 0.58 -13.31 -0.05
CA TRP A 10 0.52 -13.37 -0.01
C TRP A 10 -0.54 -12.35 -0.49
C TRP A 10 -0.53 -12.35 -0.47
N VAL A 11 -1.25 -11.70 0.46
CA VAL A 11 -2.31 -10.73 0.11
C VAL A 11 -2.16 -9.33 0.71
N SER A 12 -1.46 -9.18 1.85
CA SER A 12 -1.40 -7.88 2.53
C SER A 12 -0.77 -6.80 1.70
N PRO A 13 -1.46 -5.70 1.44
CA PRO A 13 -0.80 -4.61 0.69
C PRO A 13 0.39 -4.02 1.46
N PHE A 14 0.33 -4.06 2.79
CA PHE A 14 1.41 -3.51 3.62
C PHE A 14 2.68 -4.35 3.45
N ASN A 15 2.52 -5.67 3.34
CA ASN A 15 3.66 -6.55 3.11
C ASN A 15 4.23 -6.29 1.71
N TYR A 16 3.34 -6.14 0.70
CA TYR A 16 3.82 -5.87 -0.65
C TYR A 16 4.63 -4.59 -0.76
N ARG A 17 4.35 -3.57 0.06
CA ARG A 17 5.19 -2.35 0.07
C ARG A 17 6.67 -2.73 0.33
N VAL A 18 6.86 -3.62 1.31
CA VAL A 18 8.20 -4.06 1.72
C VAL A 18 8.82 -4.94 0.66
N ILE A 19 8.04 -5.86 0.06
CA ILE A 19 8.57 -6.69 -1.04
C ILE A 19 9.12 -5.79 -2.17
N TRP A 20 8.32 -4.78 -2.56
CA TRP A 20 8.77 -3.86 -3.61
C TRP A 20 10.05 -3.12 -3.27
N ALA A 21 10.15 -2.62 -2.02
CA ALA A 21 11.33 -1.84 -1.64
C ALA A 21 12.56 -2.76 -1.62
N LEU A 22 12.41 -3.99 -1.10
CA LEU A 22 13.57 -4.90 -1.07
C LEU A 22 14.02 -5.25 -2.48
N LYS A 23 13.06 -5.49 -3.37
CA LYS A 23 13.40 -5.88 -4.74
C LYS A 23 14.02 -4.72 -5.50
N LEU A 24 13.56 -3.48 -5.23
CA LEU A 24 14.14 -2.27 -5.82
C LEU A 24 15.59 -2.04 -5.36
N LYS A 25 15.91 -2.54 -4.19
CA LYS A 25 17.27 -2.42 -3.65
C LYS A 25 18.14 -3.64 -4.02
N GLY A 26 17.56 -4.68 -4.58
CA GLY A 26 18.28 -5.92 -4.91
C GLY A 26 18.68 -6.69 -3.66
N VAL A 27 17.90 -6.57 -2.58
CA VAL A 27 18.22 -7.24 -1.32
C VAL A 27 17.63 -8.63 -1.28
N GLU A 28 18.50 -9.62 -1.05
CA GLU A 28 18.08 -11.00 -0.92
C GLU A 28 17.34 -11.19 0.40
N PHE A 29 16.21 -11.90 0.38
CA PHE A 29 15.45 -12.11 1.62
C PHE A 29 14.66 -13.39 1.61
N GLU A 30 14.39 -13.92 2.80
CA GLU A 30 13.52 -15.07 2.94
C GLU A 30 12.11 -14.57 3.29
N HIS A 31 11.12 -14.96 2.51
CA HIS A 31 9.74 -14.58 2.80
C HIS A 31 9.08 -15.69 3.64
N ILE A 32 8.66 -15.36 4.86
CA ILE A 32 8.01 -16.28 5.79
C ILE A 32 6.54 -15.91 5.88
N VAL A 33 5.67 -16.72 5.24
CA VAL A 33 4.26 -16.40 5.21
C VAL A 33 3.57 -16.81 6.51
N GLU A 34 3.02 -15.83 7.20
CA GLU A 34 2.34 -16.06 8.46
C GLU A 34 0.89 -16.42 8.25
N ASP A 35 0.38 -17.32 9.10
CA ASP A 35 -1.03 -17.65 9.13
C ASP A 35 -1.50 -16.75 10.26
N LEU A 36 -2.32 -15.73 9.96
CA LEU A 36 -2.76 -14.78 10.98
C LEU A 36 -3.74 -15.38 12.00
N THR A 37 -4.30 -16.56 11.72
CA THR A 37 -5.13 -17.25 12.71
C THR A 37 -4.26 -18.14 13.65
N ASN A 38 -2.95 -18.28 13.38
CA ASN A 38 -2.02 -19.10 14.17
C ASN A 38 -0.62 -18.46 14.07
N LYS A 39 -0.49 -17.26 14.62
CA LYS A 39 0.76 -16.50 14.55
C LYS A 39 1.96 -17.22 15.12
N SER A 40 3.08 -17.16 14.42
CA SER A 40 4.29 -17.82 14.86
C SER A 40 4.84 -17.23 16.15
N GLU A 41 5.69 -18.02 16.84
CA GLU A 41 6.38 -17.61 18.05
C GLU A 41 7.28 -16.39 17.72
N LEU A 42 7.98 -16.44 16.58
CA LEU A 42 8.85 -15.33 16.15
C LEU A 42 8.06 -14.06 15.88
N LEU A 43 6.89 -14.15 15.21
CA LEU A 43 6.07 -12.94 14.98
C LEU A 43 5.68 -12.25 16.29
N LEU A 44 5.20 -13.03 17.26
CA LEU A 44 4.76 -12.46 18.54
C LEU A 44 5.92 -11.89 19.36
N LYS A 45 7.11 -12.47 19.21
CA LYS A 45 8.31 -12.01 19.89
C LYS A 45 8.85 -10.73 19.22
N TYR A 46 8.85 -10.73 17.87
CA TYR A 46 9.40 -9.61 17.11
C TYR A 46 8.50 -8.38 17.08
N ASN A 47 7.19 -8.57 17.16
CA ASN A 47 6.26 -7.43 17.11
C ASN A 47 5.23 -7.58 18.24
N PRO A 48 5.69 -7.44 19.50
CA PRO A 48 4.76 -7.57 20.63
C PRO A 48 3.72 -6.46 20.72
N VAL A 49 4.05 -5.25 20.21
CA VAL A 49 3.13 -4.13 20.29
C VAL A 49 1.87 -4.30 19.43
N TYR A 50 2.03 -4.70 18.14
CA TYR A 50 0.89 -4.82 17.24
C TYR A 50 0.52 -6.26 16.85
N LYS A 51 1.49 -7.16 16.91
CA LYS A 51 1.32 -8.57 16.49
C LYS A 51 0.84 -8.66 15.04
N LYS A 52 1.37 -7.76 14.19
CA LYS A 52 0.94 -7.70 12.80
C LYS A 52 2.11 -7.95 11.85
N ILE A 53 1.79 -8.28 10.60
CA ILE A 53 2.77 -8.33 9.52
C ILE A 53 2.58 -7.05 8.71
N PRO A 54 3.60 -6.58 7.97
CA PRO A 54 4.97 -7.15 7.87
C PRO A 54 5.88 -6.86 9.04
N VAL A 55 6.87 -7.73 9.20
CA VAL A 55 7.97 -7.53 10.12
C VAL A 55 9.23 -7.90 9.38
N LEU A 56 10.16 -6.94 9.21
CA LEU A 56 11.44 -7.21 8.59
C LEU A 56 12.40 -7.60 9.71
N VAL A 57 13.30 -8.57 9.47
CA VAL A 57 14.26 -8.98 10.48
C VAL A 57 15.59 -8.91 9.79
N HIS A 58 16.49 -8.04 10.27
CA HIS A 58 17.77 -7.85 9.62
C HIS A 58 18.85 -8.02 10.66
N GLY A 59 19.72 -9.02 10.45
CA GLY A 59 20.74 -9.32 11.46
C GLY A 59 20.12 -9.77 12.78
N GLY A 60 18.96 -10.41 12.70
CA GLY A 60 18.19 -10.90 13.85
C GLY A 60 17.39 -9.84 14.59
N LYS A 61 17.41 -8.59 14.12
CA LYS A 61 16.75 -7.46 14.77
C LYS A 61 15.50 -7.08 14.00
N PRO A 62 14.36 -6.97 14.68
CA PRO A 62 13.10 -6.74 13.96
C PRO A 62 12.66 -5.29 13.77
N ILE A 63 12.02 -5.04 12.65
CA ILE A 63 11.46 -3.73 12.35
C ILE A 63 10.04 -3.98 11.94
N ALA A 64 9.08 -3.48 12.73
CA ALA A 64 7.67 -3.61 12.40
C ALA A 64 7.12 -2.27 11.85
N GLU A 65 5.96 -2.33 11.18
CA GLU A 65 5.21 -1.23 10.56
C GLU A 65 5.80 -0.90 9.20
N SER A 66 5.02 -1.13 8.15
CA SER A 66 5.49 -0.93 6.78
C SER A 66 6.13 0.41 6.53
N LEU A 67 5.57 1.52 7.04
CA LEU A 67 6.22 2.81 6.75
C LEU A 67 7.57 2.96 7.45
N VAL A 68 7.70 2.37 8.66
CA VAL A 68 8.96 2.41 9.38
C VAL A 68 9.99 1.52 8.62
N ILE A 69 9.53 0.33 8.17
CA ILE A 69 10.40 -0.59 7.42
C ILE A 69 10.90 0.07 6.15
N LEU A 70 10.01 0.74 5.40
CA LEU A 70 10.45 1.40 4.15
C LEU A 70 11.56 2.43 4.39
N GLU A 71 11.43 3.25 5.45
CA GLU A 71 12.47 4.25 5.69
C GLU A 71 13.78 3.57 6.14
N TYR A 72 13.67 2.47 6.88
CA TYR A 72 14.86 1.68 7.31
C TYR A 72 15.58 1.10 6.09
N ILE A 73 14.82 0.58 5.14
CA ILE A 73 15.41 0.00 3.91
C ILE A 73 16.11 1.12 3.13
N GLU A 74 15.47 2.29 3.02
CA GLU A 74 16.07 3.41 2.30
C GLU A 74 17.38 3.90 2.94
N GLU A 75 17.44 3.89 4.28
CA GLU A 75 18.63 4.34 4.98
C GLU A 75 19.74 3.28 5.01
N THR A 76 19.35 2.00 5.07
CA THR A 76 20.29 0.88 5.18
C THR A 76 20.94 0.54 3.85
N TRP A 77 20.14 0.59 2.76
CA TRP A 77 20.61 0.35 1.40
C TRP A 77 20.38 1.64 0.62
N PRO A 78 21.27 2.64 0.76
CA PRO A 78 20.99 3.95 0.16
C PRO A 78 21.12 4.02 -1.37
N GLU A 79 21.82 3.07 -2.00
CA GLU A 79 21.94 3.09 -3.47
C GLU A 79 20.56 2.94 -4.13
N ASN A 80 20.36 3.53 -5.32
CA ASN A 80 19.07 3.53 -6.04
C ASN A 80 17.98 4.11 -5.09
N PRO A 81 18.15 5.40 -4.77
CA PRO A 81 17.29 6.01 -3.77
C PRO A 81 15.83 6.03 -4.10
N LEU A 82 15.03 5.84 -3.04
CA LEU A 82 13.56 5.89 -3.07
C LEU A 82 12.99 7.14 -2.38
N LEU A 83 13.87 8.09 -2.00
CA LEU A 83 13.45 9.39 -1.51
C LEU A 83 14.35 10.43 -2.16
N PRO A 84 13.85 11.64 -2.34
CA PRO A 84 14.70 12.71 -2.89
C PRO A 84 15.78 13.16 -1.88
N THR A 85 16.74 13.97 -2.33
CA THR A 85 17.81 14.44 -1.44
C THR A 85 17.44 15.76 -0.76
N ASP A 86 16.70 16.61 -1.46
CA ASP A 86 16.33 17.92 -0.91
C ASP A 86 15.41 17.79 0.30
N PRO A 87 15.73 18.43 1.46
CA PRO A 87 14.85 18.30 2.62
C PRO A 87 13.40 18.74 2.40
N TYR A 88 13.15 19.81 1.63
CA TYR A 88 11.75 20.22 1.39
C TYR A 88 11.02 19.15 0.58
N GLU A 89 11.66 18.64 -0.49
CA GLU A 89 11.03 17.56 -1.28
C GLU A 89 10.83 16.31 -0.42
N ARG A 90 11.79 16.01 0.52
CA ARG A 90 11.61 14.84 1.39
C ARG A 90 10.44 15.04 2.34
N ALA A 91 10.26 16.28 2.83
CA ALA A 91 9.13 16.60 3.71
C ALA A 91 7.82 16.47 2.95
N MET A 92 7.79 16.87 1.66
CA MET A 92 6.55 16.71 0.88
C MET A 92 6.21 15.24 0.72
N ALA A 93 7.23 14.40 0.49
CA ALA A 93 7.01 12.96 0.33
C ALA A 93 6.45 12.38 1.63
N ARG A 94 7.05 12.77 2.77
CA ARG A 94 6.55 12.28 4.06
C ARG A 94 5.15 12.77 4.34
N PHE A 95 4.83 14.00 3.95
CA PHE A 95 3.52 14.58 4.14
C PHE A 95 2.47 13.76 3.40
N TRP A 96 2.74 13.43 2.12
CA TRP A 96 1.75 12.67 1.36
C TRP A 96 1.63 11.25 1.83
N ILE A 97 2.74 10.62 2.24
CA ILE A 97 2.68 9.26 2.82
C ILE A 97 1.82 9.25 4.07
N GLN A 98 1.99 10.29 4.92
N GLN A 98 1.97 10.28 4.92
CA GLN A 98 1.21 10.43 6.16
CA GLN A 98 1.15 10.35 6.15
C GLN A 98 -0.27 10.64 5.85
C GLN A 98 -0.31 10.67 5.87
N TYR A 99 -0.58 11.44 4.80
CA TYR A 99 -1.94 11.74 4.40
C TYR A 99 -2.65 10.43 3.99
N GLY A 100 -1.96 9.60 3.21
CA GLY A 100 -2.50 8.30 2.80
C GLY A 100 -2.78 7.40 4.00
N ALA A 101 -1.85 7.39 4.97
CA ALA A 101 -1.98 6.57 6.17
C ALA A 101 -3.16 6.97 7.03
N THR A 102 -3.47 8.25 7.08
CA THR A 102 -4.58 8.74 7.89
C THR A 102 -5.94 8.47 7.21
N LYS A 103 -5.95 8.58 5.88
N LYS A 103 -5.99 8.66 5.90
CA LYS A 103 -7.15 8.40 5.07
CA LYS A 103 -7.24 8.45 5.15
C LYS A 103 -7.43 6.95 4.66
C LYS A 103 -7.50 6.97 4.94
N THR A 104 -6.48 6.01 4.88
N THR A 104 -8.07 6.32 5.97
CA THR A 104 -6.69 4.60 4.54
CA THR A 104 -8.38 4.89 5.98
C THR A 104 -7.92 4.04 5.30
C THR A 104 -9.81 4.59 6.46
N ALA A 105 -8.23 4.58 6.50
N ALA A 105 -10.48 5.55 7.12
CA ALA A 105 -9.39 4.22 7.31
CA ALA A 105 -11.83 5.37 7.62
C ALA A 105 -10.74 4.50 6.59
C ALA A 105 -12.84 5.18 6.49
N ALA A 106 -10.80 5.55 5.76
N ALA A 106 -12.73 6.01 5.43
CA ALA A 106 -12.01 5.89 5.00
CA ALA A 106 -13.64 5.92 4.29
C ALA A 106 -12.40 4.82 3.96
C ALA A 106 -13.36 4.66 3.45
N PHE A 107 -11.44 3.99 3.55
N PHE A 107 -12.11 4.16 3.44
CA PHE A 107 -11.69 2.87 2.64
CA PHE A 107 -11.77 2.94 2.70
C PHE A 107 -12.39 1.70 3.34
C PHE A 107 -12.39 1.71 3.34
N GLY A 108 -12.37 1.66 4.68
CA GLY A 108 -12.97 0.59 5.46
C GLY A 108 -14.49 0.58 5.33
N ALA A 109 -15.09 1.76 5.16
CA ALA A 109 -16.53 1.90 4.96
C ALA A 109 -16.99 1.20 3.67
N LEU A 110 -16.09 0.97 2.68
CA LEU A 110 -16.45 0.22 1.47
C LEU A 110 -16.68 -1.29 1.77
N PHE A 111 -16.22 -1.78 2.95
CA PHE A 111 -16.41 -3.17 3.38
C PHE A 111 -17.64 -3.33 4.31
N ARG A 112 -18.25 -2.22 4.77
CA ARG A 112 -19.37 -2.31 5.72
C ARG A 112 -20.69 -1.73 5.19
N ALA A 113 -20.64 -0.55 4.59
CA ALA A 113 -21.84 0.16 4.10
C ALA A 113 -22.55 -0.49 2.90
N SER A 114 -23.85 -0.16 2.71
CA SER A 114 -24.66 -0.66 1.60
C SER A 114 -25.58 0.44 1.06
N GLY A 115 -25.97 0.33 -0.21
CA GLY A 115 -26.86 1.26 -0.89
C GLY A 115 -26.49 2.72 -0.75
N GLU A 116 -27.49 3.57 -0.44
CA GLU A 116 -27.29 5.00 -0.23
C GLU A 116 -26.71 5.20 1.16
N GLU A 117 -25.39 5.04 1.23
CA GLU A 117 -24.47 5.08 2.37
C GLU A 117 -23.10 4.57 1.84
N LEU A 118 -23.13 3.50 1.03
CA LEU A 118 -21.97 2.96 0.34
C LEU A 118 -21.59 3.95 -0.80
N GLU A 119 -22.59 4.56 -1.46
CA GLU A 119 -22.42 5.59 -2.50
C GLU A 119 -21.74 6.83 -1.89
N LYS A 120 -22.10 7.17 -0.64
CA LYS A 120 -21.58 8.28 0.16
C LYS A 120 -20.12 7.97 0.56
N ALA A 121 -19.84 6.72 0.97
CA ALA A 121 -18.49 6.31 1.35
C ALA A 121 -17.57 6.36 0.12
N ALA A 122 -18.08 5.89 -1.04
CA ALA A 122 -17.32 5.90 -2.30
C ALA A 122 -17.02 7.32 -2.76
N LYS A 123 -17.99 8.26 -2.66
CA LYS A 123 -17.72 9.63 -3.07
C LYS A 123 -16.71 10.31 -2.11
N GLU A 124 -16.72 9.93 -0.83
CA GLU A 124 -15.75 10.47 0.12
C GLU A 124 -14.34 9.95 -0.23
N VAL A 125 -14.24 8.68 -0.68
CA VAL A 125 -12.94 8.10 -1.08
C VAL A 125 -12.45 8.81 -2.35
N VAL A 126 -13.38 9.11 -3.31
CA VAL A 126 -12.99 9.83 -4.52
C VAL A 126 -12.43 11.21 -4.15
N GLU A 127 -13.04 11.88 -3.16
CA GLU A 127 -12.53 13.19 -2.74
C GLU A 127 -11.13 13.08 -2.15
N VAL A 128 -10.87 12.04 -1.37
CA VAL A 128 -9.54 11.79 -0.79
C VAL A 128 -8.51 11.60 -1.92
N LEU A 129 -8.87 10.79 -2.90
CA LEU A 129 -8.00 10.53 -4.05
C LEU A 129 -7.80 11.74 -4.93
N ARG A 130 -8.83 12.61 -5.03
CA ARG A 130 -8.70 13.81 -5.86
C ARG A 130 -7.69 14.76 -5.26
N VAL A 131 -7.66 14.88 -3.92
CA VAL A 131 -6.66 15.76 -3.25
C VAL A 131 -5.26 15.23 -3.54
N LEU A 132 -5.08 13.92 -3.43
CA LEU A 132 -3.82 13.27 -3.72
C LEU A 132 -3.39 13.48 -5.18
N GLU A 133 -4.35 13.36 -6.09
CA GLU A 133 -4.10 13.55 -7.50
C GLU A 133 -3.68 14.98 -7.83
N GLU A 134 -4.49 15.97 -7.39
N GLU A 134 -4.47 15.97 -7.40
CA GLU A 134 -4.31 17.39 -7.69
CA GLU A 134 -4.20 17.36 -7.75
C GLU A 134 -3.11 18.04 -7.02
C GLU A 134 -2.96 17.92 -7.04
N GLN A 135 -2.93 17.75 -5.72
CA GLN A 135 -1.90 18.35 -4.91
C GLN A 135 -0.64 17.51 -4.73
N GLY A 136 -0.75 16.20 -4.90
CA GLY A 136 0.41 15.34 -4.73
C GLY A 136 1.04 14.90 -6.03
N LEU A 137 0.26 14.19 -6.88
CA LEU A 137 0.77 13.70 -8.15
C LEU A 137 1.01 14.83 -9.16
N GLY A 138 -0.01 15.67 -9.37
CA GLY A 138 0.07 16.71 -10.40
C GLY A 138 0.22 16.09 -11.78
N ASP A 139 1.07 16.69 -12.59
CA ASP A 139 1.34 16.20 -13.93
C ASP A 139 2.51 15.25 -14.03
N LYS A 140 3.05 14.76 -12.89
CA LYS A 140 4.18 13.83 -12.96
C LYS A 140 3.71 12.44 -13.39
N LYS A 141 4.59 11.61 -13.98
CA LYS A 141 4.19 10.25 -14.33
C LYS A 141 3.96 9.44 -13.05
N PHE A 142 4.89 9.59 -12.09
CA PHE A 142 4.79 8.90 -10.80
C PHE A 142 4.91 9.93 -9.66
N PHE A 143 4.54 9.55 -8.43
CA PHE A 143 4.74 10.42 -7.27
C PHE A 143 6.26 10.74 -7.11
N GLY A 144 7.10 9.80 -7.54
CA GLY A 144 8.54 9.92 -7.56
C GLY A 144 9.13 10.63 -8.77
N GLY A 145 8.28 11.12 -9.67
CA GLY A 145 8.74 11.81 -10.86
C GLY A 145 8.77 10.86 -12.05
N ASP A 146 9.97 10.59 -12.58
CA ASP A 146 10.10 9.69 -13.74
C ASP A 146 10.23 8.20 -13.39
N SER A 147 10.36 7.87 -12.08
CA SER A 147 10.37 6.50 -11.62
C SER A 147 9.72 6.45 -10.22
N ILE A 148 9.31 5.25 -9.82
CA ILE A 148 8.63 5.10 -8.55
C ILE A 148 9.52 5.39 -7.35
N ASN A 149 8.90 5.94 -6.31
CA ASN A 149 9.63 6.17 -5.06
C ASN A 149 8.80 5.66 -3.87
N LEU A 150 9.18 6.00 -2.60
CA LEU A 150 8.44 5.51 -1.45
C LEU A 150 7.01 5.98 -1.44
N VAL A 151 6.74 7.17 -2.03
CA VAL A 151 5.36 7.69 -2.11
C VAL A 151 4.53 6.80 -3.03
N ASP A 152 5.04 6.46 -4.26
CA ASP A 152 4.28 5.51 -5.13
C ASP A 152 4.05 4.19 -4.40
N ILE A 153 5.11 3.69 -3.69
CA ILE A 153 4.97 2.42 -2.96
C ILE A 153 3.89 2.50 -1.91
N SER A 154 3.83 3.59 -1.18
CA SER A 154 2.82 3.77 -0.13
C SER A 154 1.39 3.88 -0.69
N PHE A 155 1.27 4.30 -1.94
CA PHE A 155 -0.03 4.43 -2.59
C PHE A 155 -0.37 3.22 -3.49
N GLY A 156 0.52 2.22 -3.60
CA GLY A 156 0.28 1.06 -4.45
C GLY A 156 -0.97 0.30 -4.07
N LEU A 157 -1.42 0.40 -2.80
CA LEU A 157 -2.67 -0.27 -2.41
C LEU A 157 -3.91 0.32 -3.14
N PHE A 158 -3.79 1.52 -3.74
CA PHE A 158 -4.90 2.09 -4.51
C PHE A 158 -4.95 1.51 -5.94
N THR A 159 -4.10 0.50 -6.27
CA THR A 159 -4.13 -0.12 -7.57
C THR A 159 -4.97 -1.45 -7.45
N CYS A 160 -4.36 -2.65 -7.48
CA CYS A 160 -5.15 -3.88 -7.53
C CYS A 160 -5.92 -4.17 -6.27
N TRP A 161 -5.45 -3.69 -5.10
CA TRP A 161 -6.20 -3.90 -3.86
C TRP A 161 -7.50 -3.10 -3.92
N LEU A 162 -7.42 -1.82 -4.28
CA LEU A 162 -8.62 -0.99 -4.37
C LEU A 162 -9.54 -1.52 -5.50
N GLU A 163 -8.96 -2.02 -6.60
CA GLU A 163 -9.72 -2.56 -7.74
C GLU A 163 -10.57 -3.75 -7.25
N ALA A 164 -9.97 -4.61 -6.41
CA ALA A 164 -10.64 -5.78 -5.84
C ALA A 164 -11.75 -5.37 -4.88
N ILE A 165 -11.52 -4.34 -4.05
CA ILE A 165 -12.52 -3.81 -3.13
C ILE A 165 -13.69 -3.22 -3.93
N GLU A 166 -13.42 -2.51 -5.04
CA GLU A 166 -14.48 -1.94 -5.88
C GLU A 166 -15.35 -3.06 -6.45
N GLU A 167 -14.73 -4.13 -6.92
CA GLU A 167 -15.48 -5.26 -7.49
C GLU A 167 -16.26 -6.00 -6.40
N ALA A 168 -15.64 -6.24 -5.23
CA ALA A 168 -16.32 -6.93 -4.12
C ALA A 168 -17.53 -6.13 -3.57
N ALA A 169 -17.41 -4.80 -3.54
CA ALA A 169 -18.47 -3.95 -2.99
C ALA A 169 -19.51 -3.48 -4.01
N GLY A 170 -19.22 -3.62 -5.29
CA GLY A 170 -20.12 -3.18 -6.34
C GLY A 170 -20.16 -1.67 -6.50
N VAL A 171 -19.06 -0.98 -6.15
CA VAL A 171 -19.00 0.46 -6.32
C VAL A 171 -17.78 0.87 -7.14
N LYS A 172 -17.84 2.03 -7.78
CA LYS A 172 -16.72 2.55 -8.54
C LYS A 172 -16.11 3.75 -7.83
N VAL A 173 -14.78 3.77 -7.73
CA VAL A 173 -14.07 4.84 -7.06
C VAL A 173 -13.01 5.45 -8.03
N LEU A 174 -11.97 4.69 -8.38
CA LEU A 174 -10.90 5.23 -9.20
C LEU A 174 -11.22 4.96 -10.65
N GLU A 175 -11.88 5.95 -11.30
CA GLU A 175 -12.31 5.86 -12.69
C GLU A 175 -11.58 6.87 -13.55
N PRO A 176 -11.38 6.58 -14.84
CA PRO A 176 -10.69 7.55 -15.72
C PRO A 176 -11.43 8.88 -15.90
N SER A 177 -12.77 8.85 -15.95
CA SER A 177 -13.54 10.09 -16.14
C SER A 177 -13.43 11.05 -14.97
N THR A 178 -13.37 10.51 -13.74
CA THR A 178 -13.39 11.32 -12.54
C THR A 178 -12.03 11.67 -12.00
N LEU A 179 -11.07 10.74 -12.17
CA LEU A 179 -9.70 10.95 -11.69
C LEU A 179 -8.74 10.62 -12.84
N PRO A 180 -8.69 11.44 -13.88
CA PRO A 180 -7.91 11.08 -15.09
C PRO A 180 -6.42 10.81 -14.84
N ARG A 181 -5.75 11.74 -14.13
CA ARG A 181 -4.32 11.56 -13.87
C ARG A 181 -4.04 10.44 -12.89
N LEU A 182 -4.85 10.28 -11.84
CA LEU A 182 -4.61 9.20 -10.87
C LEU A 182 -4.89 7.81 -11.49
N HIS A 183 -5.91 7.74 -12.36
CA HIS A 183 -6.20 6.48 -13.04
C HIS A 183 -5.06 6.12 -14.00
N ALA A 184 -4.50 7.10 -14.73
CA ALA A 184 -3.37 6.84 -15.64
C ALA A 184 -2.16 6.39 -14.80
N TRP A 185 -1.96 7.03 -13.62
CA TRP A 185 -0.87 6.62 -12.72
C TRP A 185 -1.06 5.17 -12.27
N ALA A 186 -2.28 4.79 -11.87
CA ALA A 186 -2.52 3.43 -11.38
C ALA A 186 -2.17 2.40 -12.48
N GLN A 187 -2.50 2.73 -13.74
CA GLN A 187 -2.14 1.85 -14.86
C GLN A 187 -0.62 1.81 -15.04
N ASN A 188 0.03 2.98 -15.04
CA ASN A 188 1.48 3.04 -15.19
C ASN A 188 2.21 2.32 -14.05
N PHE A 189 1.72 2.44 -12.81
CA PHE A 189 2.35 1.78 -11.66
C PHE A 189 2.33 0.25 -11.84
N ILE A 190 1.15 -0.29 -12.18
CA ILE A 190 0.94 -1.72 -12.36
C ILE A 190 1.76 -2.25 -13.54
N GLU A 191 2.10 -1.40 -14.52
CA GLU A 191 2.90 -1.82 -15.69
C GLU A 191 4.40 -1.80 -15.42
N VAL A 192 4.85 -1.14 -14.32
CA VAL A 192 6.30 -1.13 -14.00
C VAL A 192 6.72 -2.60 -13.79
N PRO A 193 7.74 -3.10 -14.51
CA PRO A 193 8.06 -4.54 -14.41
C PRO A 193 8.23 -5.06 -12.99
N LEU A 194 8.89 -4.27 -12.12
CA LEU A 194 9.06 -4.68 -10.73
C LEU A 194 7.72 -4.89 -10.03
N ILE A 195 6.71 -4.03 -10.31
CA ILE A 195 5.40 -4.19 -9.70
C ILE A 195 4.64 -5.34 -10.35
N LYS A 196 4.62 -5.38 -11.68
CA LYS A 196 3.92 -6.42 -12.46
C LYS A 196 4.32 -7.83 -12.02
N GLU A 197 5.62 -8.04 -11.77
CA GLU A 197 6.13 -9.35 -11.35
C GLU A 197 5.97 -9.62 -9.85
N ASN A 198 5.43 -8.66 -9.08
CA ASN A 198 5.31 -8.80 -7.64
C ASN A 198 3.99 -8.23 -7.12
N ILE A 199 2.89 -8.82 -7.58
CA ILE A 199 1.56 -8.44 -7.10
C ILE A 199 0.80 -9.73 -6.89
N PRO A 200 -0.16 -9.75 -5.96
CA PRO A 200 -0.98 -10.97 -5.78
C PRO A 200 -1.77 -11.28 -7.05
N ASP A 201 -2.15 -12.56 -7.24
CA ASP A 201 -3.02 -12.94 -8.38
C ASP A 201 -4.37 -12.24 -8.16
N TYR A 202 -4.89 -11.56 -9.19
CA TYR A 202 -6.12 -10.78 -9.00
C TYR A 202 -7.32 -11.63 -8.53
N ASP A 203 -7.53 -12.83 -9.13
CA ASP A 203 -8.66 -13.67 -8.73
C ASP A 203 -8.60 -14.07 -7.26
N LYS A 204 -7.40 -14.38 -6.77
CA LYS A 204 -7.22 -14.73 -5.36
C LYS A 204 -7.43 -13.51 -4.47
N LEU A 205 -6.97 -12.34 -4.91
CA LEU A 205 -7.13 -11.11 -4.14
C LEU A 205 -8.62 -10.71 -4.07
N LEU A 206 -9.34 -10.87 -5.18
CA LEU A 206 -10.77 -10.56 -5.23
C LEU A 206 -11.52 -11.51 -4.29
N LEU A 207 -11.17 -12.80 -4.31
CA LEU A 207 -11.80 -13.77 -3.42
C LEU A 207 -11.52 -13.42 -1.96
N HIS A 208 -10.31 -12.90 -1.66
CA HIS A 208 -9.97 -12.45 -0.32
C HIS A 208 -10.83 -11.25 0.09
N MET A 209 -10.95 -10.24 -0.80
CA MET A 209 -11.74 -9.04 -0.51
C MET A 209 -13.22 -9.35 -0.33
N LYS A 210 -13.76 -10.30 -1.12
CA LYS A 210 -15.16 -10.73 -0.97
C LYS A 210 -15.38 -11.33 0.43
N GLY A 211 -14.41 -12.11 0.91
CA GLY A 211 -14.46 -12.69 2.24
C GLY A 211 -14.42 -11.67 3.36
N VAL A 212 -13.59 -10.61 3.19
CA VAL A 212 -13.49 -9.56 4.19
C VAL A 212 -14.80 -8.77 4.25
N ARG A 213 -15.37 -8.45 3.08
CA ARG A 213 -16.65 -7.73 3.04
C ARG A 213 -17.76 -8.58 3.66
N GLU A 214 -17.74 -9.90 3.38
CA GLU A 214 -18.69 -10.87 3.91
C GLU A 214 -18.66 -10.88 5.44
N LYS A 215 -17.47 -10.91 6.05
CA LYS A 215 -17.37 -10.94 7.51
C LYS A 215 -17.59 -9.56 8.16
N MET A 216 -17.30 -8.46 7.45
CA MET A 216 -17.52 -7.12 8.00
C MET A 216 -18.89 -6.53 7.60
N MET A 217 -19.82 -7.38 7.10
CA MET A 217 -21.17 -7.02 6.67
C MET A 217 -21.18 -5.97 5.55
#